data_5H6I
#
_entry.id   5H6I
#
_cell.length_a   90.950
_cell.length_b   116.050
_cell.length_c   72.850
_cell.angle_alpha   90.00
_cell.angle_beta   90.00
_cell.angle_gamma   90.00
#
_symmetry.space_group_name_H-M   'P 21 21 2'
#
loop_
_entity.id
_entity.type
_entity.pdbx_description
1 polymer 'Protein B'
2 non-polymer 'SULFATE ION'
3 non-polymer 'CHLORIDE ION'
4 water water
#
_entity_poly.entity_id   1
_entity_poly.type   'polypeptide(L)'
_entity_poly.pdbx_seq_one_letter_code
;GSPGISGGGGGILDSLADFADQVTTPQVVNHVNSNNQAQQMAQKLDQDSIQLRNIKDNVQGTDYEKPVNEAITSVEKLKT
SLRANSETVYDLNSIGSRVEALTDVIEAITFSTQHLANKVSQANIDMGFGITKLVIRILDPFASVDSIKAQVNDVKALEQ
KVLTYPDLKPTDRATIYTKSKLDKEIWNTRFTRDKKVLNVKEFKVYNTLNKAITHAVGVQLNPNVTVQQVDQEIVTLQAA
LQTALK
;
_entity_poly.pdbx_strand_id   A,B,C
#
# COMPACT_ATOMS: atom_id res chain seq x y z
N VAL A 32 -25.30 15.60 15.65
CA VAL A 32 -24.83 16.76 14.88
C VAL A 32 -23.55 16.39 14.14
N ASN A 33 -23.28 17.10 13.03
CA ASN A 33 -22.07 16.88 12.25
C ASN A 33 -20.83 17.50 12.88
N SER A 34 -20.97 18.16 14.03
CA SER A 34 -19.83 18.72 14.73
C SER A 34 -19.28 17.79 15.79
N ASN A 35 -20.14 16.98 16.42
CA ASN A 35 -19.66 16.03 17.43
C ASN A 35 -18.91 14.87 16.78
N ASN A 36 -19.43 14.34 15.67
CA ASN A 36 -18.72 13.30 14.94
C ASN A 36 -17.38 13.82 14.44
N GLN A 37 -17.34 15.07 13.96
CA GLN A 37 -16.08 15.68 13.55
C GLN A 37 -15.14 15.85 14.73
N ALA A 38 -15.68 16.04 15.94
CA ALA A 38 -14.84 16.25 17.11
C ALA A 38 -14.09 14.97 17.48
N GLN A 39 -14.73 13.81 17.35
CA GLN A 39 -14.05 12.56 17.68
C GLN A 39 -13.05 12.13 16.61
N GLN A 40 -13.19 12.63 15.38
CA GLN A 40 -12.15 12.38 14.38
C GLN A 40 -10.82 13.00 14.81
N MET A 41 -10.85 14.29 15.14
CA MET A 41 -9.63 14.97 15.56
C MET A 41 -9.12 14.43 16.88
N ALA A 42 -10.02 14.03 17.78
CA ALA A 42 -9.60 13.42 19.04
C ALA A 42 -8.85 12.12 18.78
N GLN A 43 -9.32 11.33 17.82
CA GLN A 43 -8.60 10.11 17.45
C GLN A 43 -7.34 10.44 16.65
N LYS A 44 -7.37 11.52 15.86
CA LYS A 44 -6.17 11.95 15.15
C LYS A 44 -5.10 12.45 16.12
N LEU A 45 -5.53 13.14 17.19
CA LEU A 45 -4.57 13.60 18.18
C LEU A 45 -3.94 12.45 18.95
N ASP A 46 -4.64 11.32 19.04
CA ASP A 46 -4.05 10.13 19.64
C ASP A 46 -3.05 9.46 18.72
N GLN A 47 -3.29 9.53 17.39
CA GLN A 47 -2.29 9.04 16.45
C GLN A 47 -1.03 9.88 16.50
N ASP A 48 -1.18 11.21 16.62
CA ASP A 48 -0.01 12.07 16.72
C ASP A 48 0.69 11.89 18.06
N SER A 49 -0.08 11.72 19.14
CA SER A 49 0.52 11.54 20.47
C SER A 49 1.40 10.31 20.51
N ILE A 50 0.97 9.22 19.86
CA ILE A 50 1.80 8.02 19.78
C ILE A 50 2.96 8.24 18.82
N GLN A 51 2.70 8.91 17.70
CA GLN A 51 3.76 9.17 16.74
C GLN A 51 4.81 10.12 17.28
N LEU A 52 4.41 11.06 18.14
CA LEU A 52 5.36 12.05 18.64
C LEU A 52 6.17 11.54 19.82
N ARG A 53 5.62 10.62 20.62
CA ARG A 53 6.40 10.06 21.71
C ARG A 53 7.46 9.09 21.19
N ASN A 54 7.18 8.41 20.07
CA ASN A 54 8.23 7.62 19.42
C ASN A 54 9.36 8.51 18.94
N ILE A 55 9.01 9.63 18.30
CA ILE A 55 10.02 10.58 17.83
C ILE A 55 10.74 11.23 19.01
N LYS A 56 10.06 11.38 20.15
CA LYS A 56 10.66 12.05 21.31
C LYS A 56 11.97 11.39 21.73
N ASP A 57 12.09 10.07 21.53
CA ASP A 57 13.32 9.38 21.91
C ASP A 57 14.44 9.61 20.90
N ASN A 58 14.12 9.55 19.60
CA ASN A 58 15.14 9.59 18.57
C ASN A 58 15.76 10.97 18.39
N VAL A 59 15.08 12.03 18.81
CA VAL A 59 15.56 13.39 18.58
C VAL A 59 16.17 13.95 19.85
N GLN A 60 16.72 13.07 20.69
CA GLN A 60 17.28 13.51 21.97
C GLN A 60 18.58 14.27 21.74
N GLY A 61 18.65 15.50 22.26
CA GLY A 61 19.85 16.30 22.15
C GLY A 61 20.09 16.92 20.79
N THR A 62 19.07 16.97 19.94
CA THR A 62 19.20 17.54 18.61
C THR A 62 18.43 18.85 18.51
N ASP A 63 18.34 19.41 17.31
CA ASP A 63 17.56 20.61 17.07
C ASP A 63 16.06 20.34 17.08
N TYR A 64 15.64 19.08 17.20
CA TYR A 64 14.23 18.71 17.21
C TYR A 64 13.78 18.20 18.57
N GLU A 65 14.60 18.35 19.61
CA GLU A 65 14.21 17.87 20.93
C GLU A 65 13.14 18.76 21.54
N LYS A 66 13.41 20.06 21.61
CA LYS A 66 12.44 21.03 22.15
C LYS A 66 11.25 21.22 21.22
N PRO A 67 11.41 21.26 19.89
CA PRO A 67 10.22 21.36 19.03
C PRO A 67 9.21 20.24 19.25
N VAL A 68 9.64 18.99 19.32
CA VAL A 68 8.65 17.92 19.51
C VAL A 68 8.13 17.90 20.94
N ASN A 69 8.92 18.40 21.90
CA ASN A 69 8.39 18.58 23.26
C ASN A 69 7.27 19.60 23.26
N GLU A 70 7.42 20.68 22.49
CA GLU A 70 6.35 21.65 22.34
C GLU A 70 5.20 21.08 21.53
N ALA A 71 5.48 20.17 20.60
CA ALA A 71 4.41 19.54 19.81
C ALA A 71 3.59 18.58 20.67
N ILE A 72 4.26 17.82 21.55
CA ILE A 72 3.54 16.93 22.45
C ILE A 72 2.66 17.74 23.39
N THR A 73 3.17 18.86 23.90
CA THR A 73 2.35 19.74 24.72
C THR A 73 1.18 20.30 23.93
N SER A 74 1.40 20.62 22.66
CA SER A 74 0.32 21.12 21.81
C SER A 74 -0.76 20.07 21.62
N VAL A 75 -0.37 18.80 21.55
CA VAL A 75 -1.36 17.73 21.40
C VAL A 75 -2.27 17.68 22.62
N GLU A 76 -1.71 17.90 23.81
CA GLU A 76 -2.51 17.80 25.03
C GLU A 76 -3.41 19.02 25.23
N LYS A 77 -2.96 20.20 24.82
CA LYS A 77 -3.80 21.39 24.99
C LYS A 77 -4.93 21.42 23.97
N LEU A 78 -4.74 20.78 22.81
CA LEU A 78 -5.84 20.66 21.86
C LEU A 78 -6.85 19.63 22.32
N LYS A 79 -6.38 18.52 22.91
CA LYS A 79 -7.28 17.51 23.45
C LYS A 79 -8.12 18.08 24.59
N THR A 80 -7.47 18.83 25.49
CA THR A 80 -8.20 19.44 26.60
C THR A 80 -9.21 20.46 26.10
N SER A 81 -8.87 21.18 25.03
CA SER A 81 -9.81 22.14 24.46
C SER A 81 -10.99 21.44 23.80
N LEU A 82 -10.72 20.35 23.07
CA LEU A 82 -11.80 19.58 22.46
C LEU A 82 -12.68 18.94 23.52
N ARG A 83 -12.06 18.40 24.58
CA ARG A 83 -12.83 17.72 25.62
C ARG A 83 -13.60 18.72 26.48
N ALA A 84 -13.08 19.93 26.66
CA ALA A 84 -13.80 20.93 27.43
C ALA A 84 -15.03 21.44 26.70
N ASN A 85 -14.98 21.48 25.37
CA ASN A 85 -16.10 21.92 24.54
C ASN A 85 -16.77 20.74 23.83
N SER A 86 -16.84 19.59 24.51
CA SER A 86 -17.32 18.37 23.87
C SER A 86 -18.77 18.53 23.40
N GLU A 87 -19.67 18.82 24.33
CA GLU A 87 -21.10 18.91 24.02
C GLU A 87 -21.58 20.36 23.92
N THR A 88 -20.78 21.24 23.35
CA THR A 88 -21.24 22.58 23.03
C THR A 88 -21.51 22.80 21.55
N VAL A 89 -21.03 21.89 20.69
CA VAL A 89 -21.27 21.93 19.25
C VAL A 89 -20.98 23.24 18.53
N TYR A 90 -19.71 23.59 18.41
CA TYR A 90 -19.32 24.90 17.92
C TYR A 90 -18.51 24.85 16.63
N ASP A 91 -17.73 25.90 16.37
CA ASP A 91 -16.93 26.00 15.17
C ASP A 91 -15.62 25.24 15.36
N LEU A 92 -15.40 24.21 14.54
CA LEU A 92 -14.22 23.38 14.61
C LEU A 92 -13.18 23.73 13.54
N ASN A 93 -13.26 24.93 12.98
CA ASN A 93 -12.34 25.30 11.90
C ASN A 93 -10.93 25.54 12.43
N SER A 94 -10.80 26.41 13.44
CA SER A 94 -9.47 26.71 13.97
C SER A 94 -8.86 25.50 14.66
N ILE A 95 -9.68 24.71 15.37
CA ILE A 95 -9.17 23.53 16.05
C ILE A 95 -8.70 22.49 15.05
N GLY A 96 -9.27 22.47 13.85
CA GLY A 96 -8.90 21.50 12.85
C GLY A 96 -7.63 21.87 12.12
N SER A 97 -7.45 23.17 11.85
CA SER A 97 -6.22 23.63 11.20
C SER A 97 -5.00 23.40 12.07
N ARG A 98 -5.18 23.43 13.39
CA ARG A 98 -4.07 23.14 14.30
C ARG A 98 -3.76 21.65 14.35
N VAL A 99 -4.80 20.81 14.28
CA VAL A 99 -4.58 19.37 14.27
C VAL A 99 -3.90 18.94 12.98
N GLU A 100 -4.32 19.52 11.85
CA GLU A 100 -3.70 19.17 10.56
C GLU A 100 -2.25 19.61 10.51
N ALA A 101 -1.94 20.79 11.07
CA ALA A 101 -0.56 21.27 11.06
C ALA A 101 0.36 20.40 11.90
N LEU A 102 -0.18 19.60 12.81
CA LEU A 102 0.65 18.66 13.56
C LEU A 102 1.16 17.54 12.67
N THR A 103 0.38 17.15 11.66
CA THR A 103 0.87 16.17 10.68
C THR A 103 2.02 16.75 9.87
N ASP A 104 1.94 18.05 9.54
CA ASP A 104 3.06 18.70 8.86
C ASP A 104 4.26 18.82 9.76
N VAL A 105 4.04 18.96 11.08
CA VAL A 105 5.16 18.95 12.02
C VAL A 105 5.84 17.59 12.00
N ILE A 106 5.05 16.52 12.12
CA ILE A 106 5.61 15.17 12.12
C ILE A 106 6.28 14.87 10.79
N GLU A 107 5.66 15.28 9.68
CA GLU A 107 6.23 14.99 8.36
C GLU A 107 7.56 15.71 8.18
N ALA A 108 7.71 16.91 8.74
CA ALA A 108 8.98 17.61 8.64
C ALA A 108 10.07 16.93 9.45
N ILE A 109 9.71 16.29 10.56
CA ILE A 109 10.71 15.63 11.40
C ILE A 109 11.20 14.34 10.73
N THR A 110 10.28 13.53 10.20
CA THR A 110 10.68 12.34 9.47
C THR A 110 11.44 12.69 8.20
N PHE A 111 11.13 13.85 7.59
CA PHE A 111 11.89 14.31 6.45
C PHE A 111 13.36 14.55 6.83
N SER A 112 13.59 15.03 8.05
CA SER A 112 14.96 15.24 8.50
C SER A 112 15.68 13.92 8.72
N THR A 113 15.00 12.94 9.32
CA THR A 113 15.63 11.66 9.61
C THR A 113 16.07 10.94 8.34
N GLN A 114 15.32 11.10 7.25
CA GLN A 114 15.57 10.33 6.04
C GLN A 114 16.46 11.03 5.02
N HIS A 115 16.59 12.35 5.10
CA HIS A 115 17.25 13.11 4.03
C HIS A 115 18.31 14.11 4.47
N LEU A 116 18.44 14.39 5.77
CA LEU A 116 19.32 15.46 6.23
C LEU A 116 20.45 14.97 7.13
N ALA A 117 20.65 13.66 7.25
CA ALA A 117 21.66 13.14 8.17
C ALA A 117 23.08 13.46 7.71
N ASN A 118 23.30 13.59 6.40
CA ASN A 118 24.62 13.88 5.87
C ASN A 118 24.88 15.36 5.68
N LYS A 119 23.92 16.22 6.04
CA LYS A 119 24.06 17.64 5.80
C LYS A 119 24.92 18.28 6.89
N VAL A 120 25.38 19.51 6.61
CA VAL A 120 26.08 20.31 7.60
C VAL A 120 25.08 20.70 8.68
N SER A 121 25.59 21.21 9.81
CA SER A 121 24.74 21.47 10.96
C SER A 121 23.64 22.48 10.65
N GLN A 122 23.89 23.40 9.70
CA GLN A 122 22.94 24.49 9.46
C GLN A 122 21.62 24.00 8.91
N ALA A 123 21.62 22.86 8.19
CA ALA A 123 20.38 22.37 7.60
C ALA A 123 19.37 21.99 8.68
N ASN A 124 19.80 21.18 9.65
CA ASN A 124 18.90 20.80 10.73
C ASN A 124 18.63 21.96 11.68
N ILE A 125 19.60 22.86 11.84
CA ILE A 125 19.40 24.03 12.69
C ILE A 125 18.33 24.94 12.11
N ASP A 126 18.44 25.24 10.81
CA ASP A 126 17.47 26.13 10.18
C ASP A 126 16.10 25.48 10.12
N MET A 127 16.04 24.17 9.86
CA MET A 127 14.75 23.51 9.73
C MET A 127 14.08 23.30 11.09
N GLY A 128 14.86 22.98 12.12
CA GLY A 128 14.31 22.91 13.46
C GLY A 128 13.77 24.25 13.93
N PHE A 129 14.35 25.35 13.43
CA PHE A 129 13.82 26.68 13.72
C PHE A 129 12.46 26.89 13.06
N GLY A 130 12.28 26.32 11.86
CA GLY A 130 11.01 26.46 11.18
C GLY A 130 9.90 25.65 11.83
N ILE A 131 10.21 24.43 12.25
CA ILE A 131 9.22 23.61 12.97
C ILE A 131 8.84 24.29 14.27
N THR A 132 9.81 24.94 14.93
CA THR A 132 9.50 25.71 16.13
C THR A 132 8.50 26.82 15.83
N LYS A 133 8.73 27.53 14.72
CA LYS A 133 7.79 28.59 14.33
C LYS A 133 6.41 28.04 14.02
N LEU A 134 6.34 26.80 13.55
CA LEU A 134 5.03 26.21 13.24
C LEU A 134 4.30 25.81 14.51
N VAL A 135 4.99 25.12 15.43
CA VAL A 135 4.36 24.70 16.67
C VAL A 135 3.91 25.89 17.50
N ILE A 136 4.66 26.99 17.44
CA ILE A 136 4.26 28.20 18.16
C ILE A 136 2.90 28.70 17.67
N ARG A 137 2.70 28.68 16.35
CA ARG A 137 1.41 29.09 15.80
C ARG A 137 0.30 28.12 16.21
N ILE A 138 0.62 26.81 16.26
CA ILE A 138 -0.36 25.83 16.69
C ILE A 138 -0.78 26.09 18.13
N LEU A 139 0.17 26.51 18.97
CA LEU A 139 -0.13 26.81 20.37
C LEU A 139 -0.77 28.18 20.54
N ASP A 140 -0.47 29.11 19.66
CA ASP A 140 -0.93 30.49 19.79
C ASP A 140 -2.43 30.59 19.67
N PRO A 141 -3.16 30.99 20.72
CA PRO A 141 -4.61 31.15 20.58
C PRO A 141 -5.00 32.27 19.63
N PHE A 142 -4.14 33.26 19.46
CA PHE A 142 -4.41 34.38 18.57
C PHE A 142 -3.97 34.13 17.13
N ALA A 143 -3.34 32.99 16.86
CA ALA A 143 -2.90 32.67 15.51
C ALA A 143 -4.10 32.32 14.64
N SER A 144 -4.30 33.09 13.58
CA SER A 144 -5.39 32.82 12.66
C SER A 144 -5.11 31.55 11.85
N VAL A 145 -6.17 31.03 11.23
CA VAL A 145 -6.02 29.83 10.38
C VAL A 145 -5.10 30.13 9.21
N ASP A 146 -5.17 31.36 8.68
CA ASP A 146 -4.31 31.73 7.57
C ASP A 146 -2.84 31.77 7.99
N SER A 147 -2.55 32.32 9.18
CA SER A 147 -1.17 32.39 9.63
C SER A 147 -0.61 31.02 9.96
N ILE A 148 -1.47 30.05 10.30
CA ILE A 148 -1.02 28.69 10.50
C ILE A 148 -0.70 28.03 9.17
N LYS A 149 -1.61 28.16 8.20
CA LYS A 149 -1.38 27.56 6.89
C LYS A 149 -0.22 28.23 6.15
N ALA A 150 -0.02 29.53 6.37
CA ALA A 150 1.12 30.20 5.77
C ALA A 150 2.44 29.68 6.35
N GLN A 151 2.44 29.33 7.64
CA GLN A 151 3.65 28.81 8.25
C GLN A 151 3.92 27.37 7.82
N VAL A 152 2.88 26.60 7.53
CA VAL A 152 3.08 25.24 7.03
C VAL A 152 3.80 25.27 5.69
N ASN A 153 3.46 26.25 4.84
CA ASN A 153 4.16 26.40 3.58
C ASN A 153 5.60 26.88 3.79
N ASP A 154 5.82 27.71 4.81
CA ASP A 154 7.18 28.09 5.16
C ASP A 154 8.03 26.87 5.49
N VAL A 155 7.46 25.92 6.23
CA VAL A 155 8.17 24.70 6.58
C VAL A 155 8.44 23.87 5.33
N LYS A 156 7.44 23.71 4.48
CA LYS A 156 7.61 22.92 3.27
C LYS A 156 8.65 23.54 2.34
N ALA A 157 8.61 24.87 2.19
CA ALA A 157 9.64 25.55 1.41
C ALA A 157 11.00 25.44 2.08
N LEU A 158 11.04 25.44 3.41
CA LEU A 158 12.30 25.26 4.12
C LEU A 158 12.87 23.87 3.92
N GLU A 159 12.00 22.87 3.77
CA GLU A 159 12.47 21.50 3.56
C GLU A 159 13.26 21.37 2.26
N GLN A 160 12.71 21.89 1.16
CA GLN A 160 13.40 21.81 -0.12
C GLN A 160 14.63 22.70 -0.16
N LYS A 161 14.65 23.76 0.64
CA LYS A 161 15.79 24.68 0.62
C LYS A 161 17.01 24.06 1.32
N VAL A 162 16.80 23.39 2.45
CA VAL A 162 17.92 22.78 3.16
C VAL A 162 18.46 21.56 2.43
N LEU A 163 17.73 21.03 1.45
CA LEU A 163 18.25 19.93 0.64
C LEU A 163 19.44 20.37 -0.19
N THR A 164 19.48 21.65 -0.58
CA THR A 164 20.58 22.19 -1.37
C THR A 164 21.78 22.59 -0.51
N TYR A 165 21.73 22.36 0.79
CA TYR A 165 22.85 22.67 1.65
C TYR A 165 23.99 21.67 1.41
N PRO A 166 25.23 22.06 1.68
CA PRO A 166 26.35 21.15 1.41
C PRO A 166 26.36 19.96 2.36
N ASP A 167 26.84 18.83 1.84
CA ASP A 167 27.04 17.65 2.66
C ASP A 167 28.33 17.77 3.46
N LEU A 168 28.43 16.95 4.50
CA LEU A 168 29.64 16.92 5.32
C LEU A 168 30.74 16.16 4.59
N LYS A 169 31.95 16.71 4.62
CA LYS A 169 33.09 16.01 4.08
C LYS A 169 33.47 14.85 4.99
N PRO A 170 34.13 13.81 4.46
CA PRO A 170 34.58 12.71 5.34
C PRO A 170 35.53 13.18 6.41
N THR A 171 36.25 14.29 6.19
CA THR A 171 37.16 14.84 7.18
C THR A 171 36.47 15.83 8.12
N ASP A 172 35.23 16.21 7.85
CA ASP A 172 34.53 17.15 8.70
C ASP A 172 34.19 16.52 10.05
N ARG A 173 34.04 17.38 11.06
CA ARG A 173 33.62 16.92 12.37
C ARG A 173 32.23 16.30 12.28
N ALA A 174 32.03 15.21 13.00
CA ALA A 174 30.76 14.50 12.96
C ALA A 174 29.72 15.21 13.80
N THR A 175 28.51 15.33 13.27
CA THR A 175 27.38 15.88 14.00
C THR A 175 26.63 14.77 14.73
N ILE A 176 25.71 15.17 15.61
CA ILE A 176 24.91 14.20 16.33
C ILE A 176 24.06 13.38 15.37
N TYR A 177 23.66 13.96 14.24
CA TYR A 177 22.92 13.21 13.23
C TYR A 177 23.80 12.18 12.54
N THR A 178 25.10 12.46 12.40
CA THR A 178 26.02 11.48 11.85
C THR A 178 26.13 10.27 12.77
N LYS A 179 26.15 10.51 14.09
CA LYS A 179 26.28 9.43 15.07
C LYS A 179 24.96 8.70 15.30
N SER A 180 23.89 9.09 14.63
CA SER A 180 22.62 8.37 14.78
C SER A 180 22.74 6.95 14.24
N LYS A 181 23.51 6.77 13.17
CA LYS A 181 23.70 5.43 12.61
C LYS A 181 24.54 4.57 13.54
N LEU A 182 25.59 5.14 14.14
CA LEU A 182 26.37 4.41 15.13
C LEU A 182 25.53 4.07 16.36
N ASP A 183 24.68 5.02 16.77
CA ASP A 183 23.79 4.75 17.90
C ASP A 183 22.86 3.58 17.61
N LYS A 184 22.29 3.55 16.40
CA LYS A 184 21.42 2.43 16.03
C LYS A 184 22.21 1.14 15.88
N GLU A 185 23.49 1.23 15.46
CA GLU A 185 24.31 0.04 15.33
C GLU A 185 24.70 -0.53 16.69
N ILE A 186 24.86 0.33 17.70
CA ILE A 186 25.17 -0.15 19.04
C ILE A 186 24.00 -0.95 19.61
N TRP A 187 22.78 -0.44 19.44
CA TRP A 187 21.61 -1.14 19.96
C TRP A 187 21.28 -2.37 19.12
N ASN A 188 21.66 -2.37 17.84
CA ASN A 188 21.47 -3.57 17.02
C ASN A 188 22.45 -4.66 17.43
N THR A 189 23.67 -4.29 17.81
CA THR A 189 24.63 -5.28 18.29
C THR A 189 24.27 -5.74 19.69
N ARG A 190 23.61 -4.88 20.48
CA ARG A 190 23.17 -5.29 21.81
C ARG A 190 22.01 -6.27 21.73
N PHE A 191 21.14 -6.13 20.73
CA PHE A 191 20.01 -7.03 20.57
C PHE A 191 20.48 -8.41 20.11
N THR A 192 21.36 -8.46 19.11
CA THR A 192 21.85 -9.73 18.62
C THR A 192 22.76 -10.41 19.63
N ARG A 193 23.44 -9.63 20.48
CA ARG A 193 24.31 -10.21 21.50
C ARG A 193 23.50 -11.00 22.53
N ASP A 194 22.42 -10.40 23.04
CA ASP A 194 21.61 -11.06 24.05
C ASP A 194 20.78 -12.20 23.48
N LYS A 195 20.67 -12.32 22.16
CA LYS A 195 19.90 -13.39 21.53
C LYS A 195 20.76 -14.48 20.93
N LYS A 196 21.97 -14.15 20.46
CA LYS A 196 22.81 -15.11 19.78
C LYS A 196 24.16 -15.36 20.45
N VAL A 197 24.52 -14.61 21.49
CA VAL A 197 25.85 -14.69 22.08
C VAL A 197 25.77 -14.93 23.57
N LEU A 198 24.79 -14.30 24.24
CA LEU A 198 24.73 -14.28 25.69
C LEU A 198 24.80 -15.68 26.29
N ASN A 199 23.82 -16.52 25.98
CA ASN A 199 23.77 -17.88 26.50
C ASN A 199 24.23 -18.92 25.49
N VAL A 200 24.80 -18.49 24.37
CA VAL A 200 25.23 -19.40 23.31
C VAL A 200 26.73 -19.64 23.36
N LYS A 201 27.52 -18.58 23.35
CA LYS A 201 28.97 -18.69 23.34
C LYS A 201 29.52 -18.64 24.77
N GLU A 202 30.80 -18.98 24.90
CA GLU A 202 31.48 -18.86 26.18
C GLU A 202 31.55 -17.39 26.60
N PHE A 203 31.79 -17.16 27.89
CA PHE A 203 31.72 -15.80 28.42
C PHE A 203 32.80 -14.91 27.83
N LYS A 204 33.98 -15.46 27.53
CA LYS A 204 35.06 -14.62 27.00
C LYS A 204 34.70 -14.03 25.64
N VAL A 205 33.88 -14.75 24.86
CA VAL A 205 33.36 -14.18 23.62
C VAL A 205 32.40 -13.04 23.93
N TYR A 206 31.52 -13.24 24.92
CA TYR A 206 30.62 -12.18 25.35
C TYR A 206 31.41 -10.98 25.87
N ASN A 207 32.51 -11.24 26.58
CA ASN A 207 33.30 -10.16 27.16
C ASN A 207 33.99 -9.33 26.08
N THR A 208 34.56 -10.00 25.06
CA THR A 208 35.26 -9.27 24.01
C THR A 208 34.29 -8.45 23.16
N LEU A 209 33.08 -8.98 22.92
CA LEU A 209 32.09 -8.22 22.17
C LEU A 209 31.60 -7.00 22.97
N ASN A 210 31.44 -7.17 24.28
CA ASN A 210 31.05 -6.05 25.12
C ASN A 210 32.13 -4.98 25.20
N LYS A 211 33.39 -5.34 24.96
CA LYS A 211 34.45 -4.34 24.91
C LYS A 211 34.32 -3.45 23.68
N ALA A 212 33.94 -4.04 22.55
CA ALA A 212 33.78 -3.25 21.33
C ALA A 212 32.54 -2.38 21.37
N ILE A 213 31.48 -2.85 22.04
CA ILE A 213 30.28 -2.03 22.21
C ILE A 213 30.60 -0.82 23.07
N THR A 214 31.27 -1.04 24.21
CA THR A 214 31.68 0.06 25.07
C THR A 214 32.64 1.00 24.35
N HIS A 215 33.51 0.45 23.50
CA HIS A 215 34.43 1.30 22.74
C HIS A 215 33.69 2.15 21.72
N ALA A 216 32.66 1.58 21.08
CA ALA A 216 31.87 2.37 20.13
C ALA A 216 31.12 3.48 20.83
N VAL A 217 30.70 3.26 22.08
CA VAL A 217 30.05 4.33 22.84
C VAL A 217 31.03 5.47 23.10
N GLY A 218 32.31 5.15 23.30
CA GLY A 218 33.30 6.19 23.47
C GLY A 218 33.48 7.03 22.22
N VAL A 219 33.39 6.41 21.05
CA VAL A 219 33.44 7.17 19.80
C VAL A 219 32.22 8.05 19.65
N GLN A 220 31.04 7.53 20.03
CA GLN A 220 29.81 8.31 19.96
C GLN A 220 29.86 9.50 20.91
N LEU A 221 30.49 9.36 22.07
CA LEU A 221 30.60 10.44 23.03
C LEU A 221 31.75 11.39 22.73
N ASN A 222 32.56 11.11 21.72
CA ASN A 222 33.69 11.96 21.36
C ASN A 222 33.21 13.09 20.46
N PRO A 223 33.29 14.34 20.91
CA PRO A 223 32.86 15.47 20.07
C PRO A 223 33.83 15.81 18.95
N ASN A 224 34.98 15.15 18.86
CA ASN A 224 36.01 15.50 17.89
C ASN A 224 36.22 14.44 16.81
N VAL A 225 35.47 13.33 16.85
CA VAL A 225 35.62 12.32 15.82
C VAL A 225 35.03 12.85 14.51
N THR A 226 35.63 12.43 13.40
CA THR A 226 35.19 12.86 12.09
C THR A 226 34.09 11.94 11.56
N VAL A 227 33.51 12.34 10.43
CA VAL A 227 32.51 11.50 9.77
C VAL A 227 33.14 10.16 9.37
N GLN A 228 34.41 10.18 8.97
CA GLN A 228 35.10 8.95 8.62
C GLN A 228 35.23 8.03 9.84
N GLN A 229 35.67 8.57 10.98
CA GLN A 229 35.88 7.76 12.17
C GLN A 229 34.58 7.13 12.65
N VAL A 230 33.44 7.78 12.39
CA VAL A 230 32.15 7.19 12.74
C VAL A 230 31.84 6.01 11.82
N ASP A 231 32.18 6.15 10.54
CA ASP A 231 31.94 5.06 9.58
C ASP A 231 32.80 3.84 9.91
N GLN A 232 34.08 4.06 10.25
CA GLN A 232 34.96 2.93 10.57
C GLN A 232 34.54 2.27 11.88
N GLU A 233 34.07 3.05 12.85
CA GLU A 233 33.60 2.47 14.11
C GLU A 233 32.39 1.58 13.89
N ILE A 234 31.54 1.93 12.93
CA ILE A 234 30.39 1.08 12.61
C ILE A 234 30.86 -0.24 12.04
N VAL A 235 31.87 -0.20 11.16
CA VAL A 235 32.40 -1.41 10.56
C VAL A 235 33.20 -2.23 11.58
N THR A 236 33.95 -1.55 12.45
CA THR A 236 34.70 -2.24 13.49
C THR A 236 33.77 -2.97 14.45
N LEU A 237 32.68 -2.31 14.86
CA LEU A 237 31.72 -2.96 15.75
C LEU A 237 30.99 -4.09 15.02
N GLN A 238 30.68 -3.90 13.73
CA GLN A 238 30.06 -4.97 12.96
C GLN A 238 31.02 -6.14 12.80
N ALA A 239 32.32 -5.86 12.65
CA ALA A 239 33.30 -6.93 12.59
C ALA A 239 33.45 -7.64 13.92
N ALA A 240 33.28 -6.91 15.03
CA ALA A 240 33.36 -7.53 16.34
C ALA A 240 32.14 -8.41 16.61
N LEU A 241 30.99 -8.09 16.01
CA LEU A 241 29.81 -8.93 16.17
C LEU A 241 29.97 -10.23 15.40
N GLN A 242 30.45 -10.16 14.15
CA GLN A 242 30.70 -11.38 13.38
C GLN A 242 31.83 -12.19 13.98
N THR A 243 32.78 -11.55 14.66
CA THR A 243 33.80 -12.28 15.39
C THR A 243 33.18 -13.09 16.53
N ALA A 244 32.22 -12.50 17.24
CA ALA A 244 31.55 -13.20 18.32
C ALA A 244 30.57 -14.25 17.83
N LEU A 245 30.17 -14.17 16.55
CA LEU A 245 29.17 -15.09 15.99
C LEU A 245 29.78 -16.24 15.20
N LYS A 246 31.09 -16.24 14.97
CA LYS A 246 31.73 -17.29 14.20
C LYS A 246 31.75 -18.61 14.96
N SER B 34 5.61 -36.82 -4.06
CA SER B 34 6.07 -36.25 -2.80
C SER B 34 6.02 -37.29 -1.69
N ASN B 35 4.79 -37.66 -1.30
CA ASN B 35 4.52 -38.65 -0.25
C ASN B 35 4.88 -38.11 1.14
N ASN B 36 5.62 -37.00 1.20
CA ASN B 36 5.83 -36.29 2.46
C ASN B 36 4.51 -35.63 2.85
N GLN B 37 3.86 -36.17 3.88
CA GLN B 37 2.54 -35.66 4.26
C GLN B 37 2.60 -34.21 4.68
N ALA B 38 3.64 -33.82 5.42
CA ALA B 38 3.78 -32.43 5.86
C ALA B 38 3.87 -31.49 4.66
N GLN B 39 4.74 -31.80 3.70
CA GLN B 39 4.86 -30.96 2.52
C GLN B 39 3.67 -31.10 1.59
N GLN B 40 3.00 -32.26 1.60
CA GLN B 40 1.84 -32.46 0.75
C GLN B 40 0.68 -31.57 1.18
N MET B 41 0.47 -31.41 2.49
CA MET B 41 -0.61 -30.56 2.98
C MET B 41 -0.25 -29.08 2.85
N ALA B 42 1.03 -28.74 3.07
CA ALA B 42 1.45 -27.35 2.87
C ALA B 42 1.27 -26.93 1.42
N GLN B 43 1.48 -27.86 0.48
CA GLN B 43 1.22 -27.56 -0.92
C GLN B 43 -0.27 -27.46 -1.20
N LYS B 44 -1.09 -28.26 -0.50
CA LYS B 44 -2.53 -28.19 -0.70
C LYS B 44 -3.12 -26.91 -0.09
N LEU B 45 -2.58 -26.49 1.06
CA LEU B 45 -3.04 -25.24 1.66
C LEU B 45 -2.73 -24.03 0.79
N ASP B 46 -1.73 -24.13 -0.07
CA ASP B 46 -1.41 -23.03 -0.98
C ASP B 46 -2.41 -22.94 -2.12
N GLN B 47 -2.77 -24.08 -2.71
CA GLN B 47 -3.78 -24.08 -3.77
C GLN B 47 -5.14 -23.63 -3.23
N ASP B 48 -5.49 -24.07 -2.01
CA ASP B 48 -6.72 -23.60 -1.39
C ASP B 48 -6.68 -22.09 -1.16
N SER B 49 -5.53 -21.58 -0.71
CA SER B 49 -5.39 -20.14 -0.51
C SER B 49 -5.55 -19.38 -1.82
N ILE B 50 -5.14 -19.98 -2.94
CA ILE B 50 -5.29 -19.33 -4.24
C ILE B 50 -6.75 -19.39 -4.70
N GLN B 51 -7.37 -20.56 -4.59
CA GLN B 51 -8.74 -20.71 -5.06
C GLN B 51 -9.72 -19.92 -4.21
N LEU B 52 -9.57 -19.98 -2.88
CA LEU B 52 -10.47 -19.25 -2.00
C LEU B 52 -10.36 -17.74 -2.18
N ARG B 53 -9.23 -17.25 -2.67
CA ARG B 53 -9.10 -15.82 -2.98
C ARG B 53 -9.91 -15.47 -4.23
N ASN B 54 -9.79 -16.29 -5.28
CA ASN B 54 -10.60 -16.06 -6.48
C ASN B 54 -12.08 -16.28 -6.20
N ILE B 55 -12.39 -17.27 -5.35
CA ILE B 55 -13.78 -17.52 -5.00
C ILE B 55 -14.34 -16.34 -4.21
N LYS B 56 -13.52 -15.72 -3.36
CA LYS B 56 -13.97 -14.59 -2.56
C LYS B 56 -14.48 -13.45 -3.42
N ASP B 57 -13.95 -13.30 -4.64
CA ASP B 57 -14.36 -12.21 -5.52
C ASP B 57 -15.72 -12.45 -6.17
N ASN B 58 -16.25 -13.67 -6.10
CA ASN B 58 -17.51 -13.99 -6.75
C ASN B 58 -18.63 -14.31 -5.76
N VAL B 59 -18.37 -14.27 -4.45
CA VAL B 59 -19.34 -14.67 -3.45
C VAL B 59 -19.74 -13.53 -2.53
N GLN B 60 -19.20 -12.32 -2.72
CA GLN B 60 -19.52 -11.22 -1.82
C GLN B 60 -20.97 -10.80 -2.01
N GLY B 61 -21.76 -10.93 -0.95
CA GLY B 61 -23.18 -10.65 -1.00
C GLY B 61 -24.06 -11.88 -1.11
N THR B 62 -23.48 -13.08 -1.07
CA THR B 62 -24.22 -14.33 -1.20
C THR B 62 -24.17 -15.09 0.12
N ASP B 63 -24.66 -16.32 0.09
CA ASP B 63 -24.68 -17.17 1.28
C ASP B 63 -23.32 -17.78 1.60
N TYR B 64 -22.34 -17.65 0.70
CA TYR B 64 -21.02 -18.22 0.90
C TYR B 64 -19.96 -17.16 1.16
N GLU B 65 -20.36 -15.90 1.30
CA GLU B 65 -19.40 -14.84 1.63
C GLU B 65 -18.77 -15.10 2.99
N LYS B 66 -19.58 -15.45 3.99
CA LYS B 66 -19.03 -15.71 5.32
C LYS B 66 -18.25 -17.01 5.38
N PRO B 67 -18.73 -18.15 4.86
CA PRO B 67 -17.90 -19.36 4.91
C PRO B 67 -16.57 -19.22 4.20
N VAL B 68 -16.53 -18.48 3.09
CA VAL B 68 -15.26 -18.29 2.39
C VAL B 68 -14.28 -17.49 3.24
N ASN B 69 -14.77 -16.43 3.90
CA ASN B 69 -13.91 -15.65 4.78
C ASN B 69 -13.40 -16.49 5.94
N GLU B 70 -14.26 -17.35 6.50
CA GLU B 70 -13.82 -18.22 7.59
C GLU B 70 -12.88 -19.30 7.09
N ALA B 71 -13.08 -19.78 5.85
CA ALA B 71 -12.17 -20.77 5.29
C ALA B 71 -10.80 -20.16 5.00
N ILE B 72 -10.76 -18.88 4.63
CA ILE B 72 -9.48 -18.22 4.35
C ILE B 72 -8.65 -18.09 5.61
N THR B 73 -9.27 -17.64 6.71
CA THR B 73 -8.55 -17.51 7.96
C THR B 73 -8.16 -18.87 8.53
N SER B 74 -8.99 -19.90 8.29
CA SER B 74 -8.65 -21.24 8.75
C SER B 74 -7.48 -21.82 7.95
N VAL B 75 -7.33 -21.42 6.69
CA VAL B 75 -6.19 -21.85 5.90
C VAL B 75 -4.90 -21.29 6.50
N GLU B 76 -4.91 -20.00 6.82
CA GLU B 76 -3.73 -19.38 7.44
C GLU B 76 -3.47 -19.96 8.82
N LYS B 77 -4.52 -20.36 9.54
CA LYS B 77 -4.33 -21.00 10.84
C LYS B 77 -3.69 -22.37 10.70
N LEU B 78 -4.11 -23.13 9.68
CA LEU B 78 -3.52 -24.45 9.45
C LEU B 78 -2.09 -24.33 8.93
N LYS B 79 -1.80 -23.30 8.14
CA LYS B 79 -0.42 -23.06 7.70
C LYS B 79 0.50 -22.84 8.90
N THR B 80 0.01 -22.13 9.92
CA THR B 80 0.84 -21.82 11.08
C THR B 80 1.16 -23.07 11.89
N SER B 81 0.19 -23.98 12.00
CA SER B 81 0.41 -25.21 12.76
C SER B 81 1.38 -26.17 12.07
N LEU B 82 1.74 -25.92 10.82
CA LEU B 82 2.70 -26.75 10.11
C LEU B 82 4.13 -26.25 10.21
N ARG B 83 4.37 -25.18 10.96
CA ARG B 83 5.72 -24.64 11.13
C ARG B 83 5.99 -24.45 12.62
N ALA B 84 6.96 -23.59 12.93
CA ALA B 84 7.28 -23.14 14.28
C ALA B 84 7.69 -24.26 15.23
N ASN B 85 7.29 -24.13 16.50
CA ASN B 85 7.67 -25.03 17.57
C ASN B 85 6.71 -26.06 18.15
N SER B 86 5.78 -25.59 18.98
CA SER B 86 4.69 -26.42 19.50
C SER B 86 3.50 -25.46 19.59
N GLU B 87 3.61 -24.30 18.94
CA GLU B 87 2.51 -23.35 18.87
C GLU B 87 1.45 -23.86 17.90
N THR B 88 1.07 -25.13 18.05
CA THR B 88 0.04 -25.73 17.22
C THR B 88 -1.32 -25.50 17.88
N VAL B 89 -2.16 -24.68 17.24
CA VAL B 89 -3.49 -24.46 17.77
C VAL B 89 -4.34 -25.72 17.62
N TYR B 90 -4.07 -26.51 16.59
CA TYR B 90 -4.81 -27.72 16.31
C TYR B 90 -4.01 -28.95 16.70
N ASP B 91 -4.72 -30.03 17.04
CA ASP B 91 -4.08 -31.30 17.29
C ASP B 91 -3.41 -31.80 16.02
N LEU B 92 -2.20 -32.35 16.16
CA LEU B 92 -1.43 -32.75 14.99
C LEU B 92 -2.12 -33.86 14.21
N ASN B 93 -2.82 -34.77 14.90
CA ASN B 93 -3.51 -35.85 14.22
C ASN B 93 -4.75 -35.39 13.47
N SER B 94 -5.16 -34.13 13.63
CA SER B 94 -6.34 -33.61 12.97
C SER B 94 -6.03 -32.66 11.82
N ILE B 95 -4.78 -32.23 11.67
CA ILE B 95 -4.44 -31.24 10.64
C ILE B 95 -4.71 -31.79 9.26
N GLY B 96 -4.32 -33.06 9.02
CA GLY B 96 -4.54 -33.65 7.70
C GLY B 96 -6.01 -33.74 7.35
N SER B 97 -6.86 -34.01 8.33
CA SER B 97 -8.29 -34.09 8.07
C SER B 97 -8.90 -32.71 7.84
N ARG B 98 -8.33 -31.68 8.48
CA ARG B 98 -8.88 -30.33 8.30
C ARG B 98 -8.55 -29.78 6.92
N VAL B 99 -7.37 -30.09 6.39
CA VAL B 99 -7.01 -29.64 5.05
C VAL B 99 -7.84 -30.38 4.00
N GLU B 100 -8.11 -31.66 4.23
CA GLU B 100 -8.89 -32.43 3.27
C GLU B 100 -10.34 -31.95 3.21
N ALA B 101 -10.90 -31.56 4.35
CA ALA B 101 -12.27 -31.06 4.37
C ALA B 101 -12.40 -29.70 3.69
N LEU B 102 -11.31 -28.93 3.63
CA LEU B 102 -11.34 -27.68 2.88
C LEU B 102 -11.53 -27.92 1.38
N THR B 103 -11.00 -29.04 0.87
CA THR B 103 -11.28 -29.42 -0.51
C THR B 103 -12.77 -29.63 -0.73
N ASP B 104 -13.44 -30.27 0.24
CA ASP B 104 -14.88 -30.45 0.14
C ASP B 104 -15.61 -29.11 0.19
N VAL B 105 -15.08 -28.14 0.94
CA VAL B 105 -15.68 -26.81 0.96
C VAL B 105 -15.58 -26.15 -0.41
N ILE B 106 -14.39 -26.20 -1.00
CA ILE B 106 -14.17 -25.57 -2.31
C ILE B 106 -15.00 -26.28 -3.37
N GLU B 107 -15.03 -27.61 -3.34
CA GLU B 107 -15.82 -28.36 -4.32
C GLU B 107 -17.31 -28.07 -4.18
N ALA B 108 -17.77 -27.86 -2.95
CA ALA B 108 -19.19 -27.57 -2.74
C ALA B 108 -19.56 -26.20 -3.29
N ILE B 109 -18.69 -25.21 -3.12
CA ILE B 109 -18.97 -23.88 -3.65
C ILE B 109 -18.93 -23.89 -5.17
N THR B 110 -17.96 -24.62 -5.75
CA THR B 110 -17.94 -24.81 -7.20
C THR B 110 -19.21 -25.48 -7.68
N PHE B 111 -19.68 -26.50 -6.95
CA PHE B 111 -20.93 -27.16 -7.31
C PHE B 111 -22.09 -26.17 -7.33
N SER B 112 -22.08 -25.18 -6.42
CA SER B 112 -23.14 -24.20 -6.37
C SER B 112 -23.17 -23.33 -7.62
N THR B 113 -22.00 -22.88 -8.07
CA THR B 113 -21.93 -22.01 -9.24
C THR B 113 -22.41 -22.73 -10.50
N GLN B 114 -22.11 -24.01 -10.62
CA GLN B 114 -22.35 -24.74 -11.86
C GLN B 114 -23.72 -25.42 -11.90
N HIS B 115 -24.45 -25.48 -10.79
CA HIS B 115 -25.70 -26.23 -10.75
C HIS B 115 -26.86 -25.52 -10.09
N LEU B 116 -26.63 -24.55 -9.21
CA LEU B 116 -27.70 -23.94 -8.42
C LEU B 116 -27.93 -22.47 -8.75
N ALA B 117 -27.37 -21.97 -9.84
CA ALA B 117 -27.50 -20.55 -10.15
C ALA B 117 -28.94 -20.16 -10.47
N ASN B 118 -29.73 -21.09 -11.01
CA ASN B 118 -31.12 -20.83 -11.37
C ASN B 118 -32.11 -21.60 -10.51
N LYS B 119 -31.69 -22.06 -9.34
CA LYS B 119 -32.60 -22.68 -8.39
C LYS B 119 -33.25 -21.59 -7.52
N VAL B 120 -34.18 -22.00 -6.67
CA VAL B 120 -34.73 -21.07 -5.70
C VAL B 120 -33.62 -20.66 -4.73
N SER B 121 -33.81 -19.50 -4.10
CA SER B 121 -32.84 -19.00 -3.15
C SER B 121 -32.62 -19.97 -1.99
N GLN B 122 -33.62 -20.81 -1.69
CA GLN B 122 -33.49 -21.77 -0.59
C GLN B 122 -32.44 -22.83 -0.89
N ALA B 123 -32.23 -23.17 -2.17
CA ALA B 123 -31.26 -24.20 -2.51
C ALA B 123 -29.85 -23.79 -2.13
N ASN B 124 -29.48 -22.54 -2.39
CA ASN B 124 -28.18 -22.03 -1.99
C ASN B 124 -28.13 -21.63 -0.53
N ILE B 125 -29.29 -21.35 0.08
CA ILE B 125 -29.32 -21.06 1.51
C ILE B 125 -29.07 -22.34 2.32
N ASP B 126 -29.74 -23.43 1.94
CA ASP B 126 -29.55 -24.69 2.67
C ASP B 126 -28.10 -25.18 2.52
N MET B 127 -27.57 -25.20 1.30
CA MET B 127 -26.20 -25.65 1.10
C MET B 127 -25.18 -24.69 1.71
N GLY B 128 -25.47 -23.38 1.69
CA GLY B 128 -24.58 -22.44 2.35
C GLY B 128 -24.54 -22.63 3.86
N PHE B 129 -25.65 -23.06 4.45
CA PHE B 129 -25.67 -23.35 5.88
C PHE B 129 -24.79 -24.55 6.20
N GLY B 130 -24.89 -25.61 5.39
CA GLY B 130 -24.05 -26.77 5.61
C GLY B 130 -22.58 -26.50 5.41
N ILE B 131 -22.25 -25.59 4.49
CA ILE B 131 -20.85 -25.20 4.29
C ILE B 131 -20.35 -24.39 5.48
N THR B 132 -21.18 -23.46 5.97
CA THR B 132 -20.81 -22.69 7.16
C THR B 132 -20.55 -23.61 8.34
N LYS B 133 -21.37 -24.64 8.51
CA LYS B 133 -21.14 -25.61 9.58
C LYS B 133 -19.81 -26.31 9.41
N LEU B 134 -19.48 -26.70 8.16
CA LEU B 134 -18.24 -27.42 7.92
C LEU B 134 -17.02 -26.55 8.19
N VAL B 135 -17.05 -25.30 7.73
CA VAL B 135 -15.92 -24.40 7.94
C VAL B 135 -15.75 -24.11 9.43
N ILE B 136 -16.84 -24.05 10.18
CA ILE B 136 -16.74 -23.82 11.62
C ILE B 136 -16.01 -24.95 12.30
N ARG B 137 -16.39 -26.20 11.98
CA ARG B 137 -15.73 -27.34 12.60
C ARG B 137 -14.31 -27.52 12.09
N ILE B 138 -14.03 -27.08 10.86
CA ILE B 138 -12.65 -27.04 10.39
C ILE B 138 -11.84 -26.02 11.19
N LEU B 139 -12.45 -24.87 11.48
CA LEU B 139 -11.75 -23.80 12.18
C LEU B 139 -11.66 -24.06 13.68
N ASP B 140 -12.71 -24.63 14.27
CA ASP B 140 -12.74 -24.89 15.71
C ASP B 140 -11.67 -25.90 16.09
N PRO B 141 -10.66 -25.51 16.87
CA PRO B 141 -9.63 -26.47 17.27
C PRO B 141 -10.10 -27.50 18.27
N PHE B 142 -11.25 -27.29 18.92
CA PHE B 142 -11.82 -28.27 19.82
C PHE B 142 -12.81 -29.21 19.15
N ALA B 143 -13.21 -28.91 17.92
CA ALA B 143 -14.06 -29.82 17.16
C ALA B 143 -13.27 -31.08 16.81
N SER B 144 -13.89 -32.24 17.02
CA SER B 144 -13.21 -33.50 16.77
C SER B 144 -13.11 -33.76 15.27
N VAL B 145 -12.29 -34.75 14.91
CA VAL B 145 -12.21 -35.19 13.52
C VAL B 145 -13.52 -35.85 13.11
N ASP B 146 -14.18 -36.56 14.04
CA ASP B 146 -15.46 -37.19 13.75
C ASP B 146 -16.49 -36.16 13.30
N SER B 147 -16.61 -35.06 14.05
CA SER B 147 -17.61 -34.04 13.72
C SER B 147 -17.31 -33.39 12.37
N ILE B 148 -16.04 -33.39 11.95
CA ILE B 148 -15.69 -32.80 10.66
C ILE B 148 -16.13 -33.72 9.52
N LYS B 149 -15.77 -35.01 9.60
CA LYS B 149 -16.13 -35.94 8.55
C LYS B 149 -17.63 -36.20 8.51
N ALA B 150 -18.30 -36.10 9.66
CA ALA B 150 -19.76 -36.24 9.67
C ALA B 150 -20.41 -35.05 8.97
N GLN B 151 -19.84 -33.85 9.13
CA GLN B 151 -20.36 -32.68 8.44
C GLN B 151 -19.98 -32.68 6.97
N VAL B 152 -18.86 -33.30 6.62
CA VAL B 152 -18.51 -33.48 5.21
C VAL B 152 -19.55 -34.37 4.53
N ASN B 153 -19.91 -35.47 5.18
CA ASN B 153 -20.95 -36.35 4.65
C ASN B 153 -22.29 -35.65 4.59
N ASP B 154 -22.55 -34.73 5.52
CA ASP B 154 -23.80 -33.96 5.48
C ASP B 154 -23.82 -32.99 4.30
N VAL B 155 -22.66 -32.39 3.99
CA VAL B 155 -22.58 -31.47 2.87
C VAL B 155 -22.79 -32.21 1.56
N LYS B 156 -22.20 -33.40 1.42
CA LYS B 156 -22.40 -34.21 0.22
C LYS B 156 -23.87 -34.57 0.05
N ALA B 157 -24.56 -34.86 1.17
CA ALA B 157 -25.97 -35.24 1.09
C ALA B 157 -26.85 -34.06 0.68
N LEU B 158 -26.44 -32.84 1.07
CA LEU B 158 -27.23 -31.67 0.75
C LEU B 158 -27.02 -31.23 -0.70
N GLU B 159 -25.85 -31.50 -1.26
CA GLU B 159 -25.64 -31.27 -2.69
C GLU B 159 -26.60 -32.12 -3.51
N GLN B 160 -26.79 -33.38 -3.11
CA GLN B 160 -27.77 -34.24 -3.77
C GLN B 160 -29.19 -33.75 -3.52
N LYS B 161 -29.44 -33.15 -2.35
CA LYS B 161 -30.79 -32.79 -1.95
C LYS B 161 -31.27 -31.52 -2.66
N VAL B 162 -30.43 -30.48 -2.69
CA VAL B 162 -30.86 -29.21 -3.23
C VAL B 162 -31.02 -29.24 -4.75
N LEU B 163 -30.46 -30.27 -5.42
CA LEU B 163 -30.70 -30.41 -6.85
C LEU B 163 -32.17 -30.71 -7.16
N THR B 164 -32.91 -31.24 -6.20
CA THR B 164 -34.33 -31.53 -6.35
C THR B 164 -35.22 -30.34 -6.05
N TYR B 165 -34.64 -29.20 -5.66
CA TYR B 165 -35.43 -28.03 -5.31
C TYR B 165 -36.04 -27.42 -6.57
N PRO B 166 -37.10 -26.62 -6.41
CA PRO B 166 -37.77 -26.05 -7.59
C PRO B 166 -36.86 -25.10 -8.36
N ASP B 167 -36.92 -25.20 -9.68
CA ASP B 167 -36.17 -24.31 -10.56
C ASP B 167 -36.85 -22.95 -10.65
N LEU B 168 -36.07 -21.93 -10.92
CA LEU B 168 -36.62 -20.59 -11.10
C LEU B 168 -37.37 -20.49 -12.42
N LYS B 169 -38.53 -19.84 -12.37
CA LYS B 169 -39.26 -19.58 -13.61
C LYS B 169 -38.65 -18.38 -14.33
N PRO B 170 -38.76 -18.35 -15.67
CA PRO B 170 -38.22 -17.20 -16.41
C PRO B 170 -38.82 -15.88 -15.97
N THR B 171 -40.08 -15.86 -15.54
CA THR B 171 -40.72 -14.64 -15.08
C THR B 171 -40.45 -14.34 -13.61
N ASP B 172 -39.83 -15.27 -12.88
CA ASP B 172 -39.51 -15.03 -11.48
C ASP B 172 -38.46 -13.93 -11.35
N ARG B 173 -38.48 -13.26 -10.20
CA ARG B 173 -37.51 -12.21 -9.93
C ARG B 173 -36.11 -12.80 -9.86
N ALA B 174 -35.14 -12.07 -10.40
CA ALA B 174 -33.75 -12.50 -10.35
C ALA B 174 -33.24 -12.46 -8.91
N THR B 175 -32.46 -13.47 -8.54
CA THR B 175 -31.88 -13.56 -7.21
C THR B 175 -30.45 -13.04 -7.24
N ILE B 176 -29.74 -13.19 -6.12
CA ILE B 176 -28.36 -12.74 -6.04
C ILE B 176 -27.46 -13.58 -6.94
N TYR B 177 -27.85 -14.82 -7.21
CA TYR B 177 -27.06 -15.71 -8.04
C TYR B 177 -27.38 -15.57 -9.53
N THR B 178 -28.60 -15.17 -9.87
CA THR B 178 -28.89 -14.83 -11.26
C THR B 178 -28.09 -13.62 -11.70
N LYS B 179 -28.04 -12.58 -10.86
CA LYS B 179 -27.22 -11.41 -11.13
C LYS B 179 -25.73 -11.69 -11.02
N SER B 180 -25.35 -12.82 -10.41
CA SER B 180 -23.93 -13.14 -10.29
C SER B 180 -23.33 -13.46 -11.65
N LYS B 181 -24.08 -14.15 -12.51
CA LYS B 181 -23.61 -14.40 -13.87
C LYS B 181 -23.45 -13.12 -14.67
N LEU B 182 -24.28 -12.12 -14.38
CA LEU B 182 -24.17 -10.83 -15.05
C LEU B 182 -23.00 -10.01 -14.50
N ASP B 183 -22.71 -10.15 -13.22
CA ASP B 183 -21.57 -9.42 -12.64
C ASP B 183 -20.25 -9.91 -13.23
N LYS B 184 -20.12 -11.22 -13.45
CA LYS B 184 -18.90 -11.74 -14.06
C LYS B 184 -18.76 -11.29 -15.51
N GLU B 185 -19.87 -11.29 -16.25
CA GLU B 185 -19.82 -10.83 -17.64
C GLU B 185 -19.41 -9.38 -17.74
N ILE B 186 -19.81 -8.56 -16.76
CA ILE B 186 -19.41 -7.15 -16.76
C ILE B 186 -17.90 -7.03 -16.60
N TRP B 187 -17.34 -7.74 -15.61
CA TRP B 187 -15.90 -7.69 -15.38
C TRP B 187 -15.13 -8.34 -16.52
N ASN B 188 -15.68 -9.39 -17.12
CA ASN B 188 -15.03 -9.99 -18.28
C ASN B 188 -15.00 -9.03 -19.46
N THR B 189 -16.09 -8.30 -19.68
CA THR B 189 -16.13 -7.33 -20.77
C THR B 189 -15.14 -6.19 -20.52
N ARG B 190 -15.03 -5.73 -19.26
CA ARG B 190 -14.09 -4.67 -18.95
C ARG B 190 -12.65 -5.13 -19.13
N PHE B 191 -12.36 -6.39 -18.79
CA PHE B 191 -11.00 -6.91 -18.96
C PHE B 191 -10.64 -7.02 -20.44
N THR B 192 -11.53 -7.63 -21.24
CA THR B 192 -11.25 -7.80 -22.66
C THR B 192 -11.22 -6.46 -23.39
N ARG B 193 -12.04 -5.50 -22.96
CA ARG B 193 -12.05 -4.19 -23.60
C ARG B 193 -10.74 -3.46 -23.41
N ASP B 194 -10.15 -3.58 -22.22
CA ASP B 194 -8.90 -2.88 -21.93
C ASP B 194 -7.69 -3.52 -22.60
N LYS B 195 -7.79 -4.79 -22.99
CA LYS B 195 -6.69 -5.49 -23.63
C LYS B 195 -6.82 -5.56 -25.15
N LYS B 196 -8.04 -5.62 -25.64
CA LYS B 196 -8.26 -5.75 -27.06
C LYS B 196 -8.97 -4.63 -27.76
N VAL B 197 -9.53 -3.68 -27.04
CA VAL B 197 -10.28 -2.62 -27.66
C VAL B 197 -9.70 -1.27 -27.40
N LEU B 198 -9.31 -1.02 -26.18
CA LEU B 198 -8.73 0.23 -25.84
C LEU B 198 -7.42 0.33 -26.55
N ASN B 199 -7.20 1.40 -27.28
CA ASN B 199 -5.95 1.59 -27.98
C ASN B 199 -5.77 0.74 -29.19
N VAL B 200 -6.77 -0.04 -29.51
CA VAL B 200 -6.72 -0.87 -30.66
C VAL B 200 -7.69 -0.33 -31.65
N LYS B 201 -8.95 -0.24 -31.27
CA LYS B 201 -9.96 0.28 -32.13
C LYS B 201 -10.14 1.75 -31.86
N GLU B 202 -10.91 2.41 -32.68
CA GLU B 202 -11.18 3.82 -32.50
C GLU B 202 -12.07 4.04 -31.26
N PHE B 203 -12.16 5.30 -30.82
CA PHE B 203 -12.91 5.58 -29.61
C PHE B 203 -14.41 5.36 -29.79
N LYS B 204 -14.93 5.60 -30.98
CA LYS B 204 -16.35 5.39 -31.23
C LYS B 204 -16.75 3.95 -30.91
N VAL B 205 -15.89 3.00 -31.23
CA VAL B 205 -16.15 1.61 -30.86
C VAL B 205 -16.01 1.41 -29.35
N TYR B 206 -14.99 2.05 -28.75
CA TYR B 206 -14.82 1.98 -27.31
C TYR B 206 -16.01 2.57 -26.57
N ASN B 207 -16.50 3.72 -27.03
CA ASN B 207 -17.60 4.40 -26.35
C ASN B 207 -18.88 3.58 -26.42
N THR B 208 -19.13 2.92 -27.55
CA THR B 208 -20.33 2.10 -27.68
C THR B 208 -20.29 0.91 -26.75
N LEU B 209 -19.10 0.32 -26.55
CA LEU B 209 -18.99 -0.81 -25.64
C LEU B 209 -19.19 -0.36 -24.19
N ASN B 210 -18.65 0.79 -23.82
CA ASN B 210 -18.82 1.30 -22.46
C ASN B 210 -20.29 1.53 -22.15
N LYS B 211 -21.05 2.09 -23.10
CA LYS B 211 -22.47 2.32 -22.89
C LYS B 211 -23.21 1.00 -22.66
N ALA B 212 -22.78 -0.06 -23.33
CA ALA B 212 -23.38 -1.37 -23.09
C ALA B 212 -23.03 -1.91 -21.71
N ILE B 213 -21.83 -1.57 -21.20
CA ILE B 213 -21.45 -2.01 -19.87
C ILE B 213 -22.28 -1.29 -18.81
N THR B 214 -22.40 0.04 -18.96
CA THR B 214 -23.16 0.82 -17.98
C THR B 214 -24.63 0.38 -17.96
N HIS B 215 -25.21 0.13 -19.14
CA HIS B 215 -26.58 -0.37 -19.19
C HIS B 215 -26.69 -1.75 -18.54
N ALA B 216 -25.60 -2.52 -18.56
CA ALA B 216 -25.60 -3.81 -17.87
C ALA B 216 -25.49 -3.64 -16.36
N VAL B 217 -24.75 -2.63 -15.89
CA VAL B 217 -24.69 -2.35 -14.47
C VAL B 217 -26.04 -1.87 -13.96
N GLY B 218 -26.78 -1.14 -14.79
CA GLY B 218 -28.12 -0.72 -14.40
C GLY B 218 -29.06 -1.89 -14.20
N VAL B 219 -29.05 -2.84 -15.14
CA VAL B 219 -29.82 -4.06 -14.97
C VAL B 219 -29.31 -4.84 -13.75
N GLN B 220 -28.00 -4.78 -13.50
CA GLN B 220 -27.43 -5.39 -12.31
C GLN B 220 -27.99 -4.76 -11.04
N LEU B 221 -28.10 -3.44 -11.02
CA LEU B 221 -28.57 -2.71 -9.84
C LEU B 221 -30.08 -2.66 -9.72
N ASN B 222 -30.81 -3.17 -10.71
CA ASN B 222 -32.27 -3.12 -10.67
C ASN B 222 -32.80 -4.25 -9.79
N PRO B 223 -33.46 -3.94 -8.66
CA PRO B 223 -33.93 -5.00 -7.76
C PRO B 223 -35.18 -5.73 -8.23
N ASN B 224 -35.78 -5.34 -9.36
CA ASN B 224 -37.04 -5.91 -9.80
C ASN B 224 -36.95 -6.66 -11.12
N VAL B 225 -35.78 -6.76 -11.74
CA VAL B 225 -35.67 -7.45 -13.02
C VAL B 225 -35.81 -8.96 -12.80
N THR B 226 -36.40 -9.62 -13.80
CA THR B 226 -36.64 -11.05 -13.70
C THR B 226 -35.41 -11.84 -14.15
N VAL B 227 -35.47 -13.16 -13.99
CA VAL B 227 -34.41 -14.03 -14.49
C VAL B 227 -34.29 -13.89 -15.99
N GLN B 228 -35.42 -13.73 -16.68
CA GLN B 228 -35.39 -13.59 -18.14
C GLN B 228 -34.69 -12.30 -18.55
N GLN B 229 -34.88 -11.22 -17.78
CA GLN B 229 -34.28 -9.94 -18.14
C GLN B 229 -32.78 -9.96 -17.96
N VAL B 230 -32.29 -10.61 -16.89
CA VAL B 230 -30.85 -10.69 -16.68
C VAL B 230 -30.22 -11.68 -17.65
N ASP B 231 -30.92 -12.78 -17.94
CA ASP B 231 -30.41 -13.73 -18.92
C ASP B 231 -30.31 -13.10 -20.31
N GLN B 232 -31.12 -12.09 -20.59
CA GLN B 232 -31.07 -11.39 -21.87
C GLN B 232 -30.09 -10.22 -21.86
N GLU B 233 -29.87 -9.59 -20.71
CA GLU B 233 -28.85 -8.56 -20.63
C GLU B 233 -27.45 -9.15 -20.77
N ILE B 234 -27.26 -10.40 -20.33
CA ILE B 234 -25.98 -11.07 -20.53
C ILE B 234 -25.72 -11.27 -22.02
N VAL B 235 -26.74 -11.72 -22.75
CA VAL B 235 -26.61 -11.93 -24.19
C VAL B 235 -26.39 -10.60 -24.90
N THR B 236 -27.07 -9.54 -24.44
CA THR B 236 -26.93 -8.24 -25.09
C THR B 236 -25.50 -7.71 -24.93
N LEU B 237 -24.94 -7.81 -23.72
CA LEU B 237 -23.57 -7.35 -23.51
C LEU B 237 -22.56 -8.22 -24.24
N GLN B 238 -22.84 -9.53 -24.36
CA GLN B 238 -21.93 -10.41 -25.09
C GLN B 238 -21.92 -10.07 -26.57
N ALA B 239 -23.08 -9.71 -27.13
CA ALA B 239 -23.11 -9.29 -28.52
C ALA B 239 -22.45 -7.94 -28.71
N ALA B 240 -22.50 -7.07 -27.70
CA ALA B 240 -21.88 -5.76 -27.80
C ALA B 240 -20.36 -5.87 -27.80
N LEU B 241 -19.81 -6.73 -26.95
CA LEU B 241 -18.37 -6.93 -26.92
C LEU B 241 -17.88 -7.55 -28.22
N GLN B 242 -18.62 -8.53 -28.75
CA GLN B 242 -18.25 -9.14 -30.03
C GLN B 242 -18.33 -8.13 -31.17
N THR B 243 -19.23 -7.15 -31.07
CA THR B 243 -19.28 -6.09 -32.06
C THR B 243 -18.02 -5.23 -32.00
N ALA B 244 -17.54 -4.92 -30.79
CA ALA B 244 -16.34 -4.11 -30.64
C ALA B 244 -15.08 -4.85 -31.03
N LEU B 245 -15.10 -6.18 -31.04
CA LEU B 245 -13.91 -6.98 -31.28
C LEU B 245 -13.65 -7.27 -32.74
N LYS B 246 -14.61 -7.03 -33.62
CA LYS B 246 -14.44 -7.35 -35.03
C LYS B 246 -13.45 -6.40 -35.71
N ALA C 38 16.07 -9.95 13.26
CA ALA C 38 17.36 -10.15 12.61
C ALA C 38 17.26 -9.85 11.11
N GLN C 39 16.50 -10.67 10.40
CA GLN C 39 16.39 -10.55 8.94
C GLN C 39 15.23 -9.62 8.57
N GLN C 40 15.35 -8.36 9.00
CA GLN C 40 14.38 -7.35 8.59
C GLN C 40 14.69 -6.79 7.21
N MET C 41 15.97 -6.79 6.81
CA MET C 41 16.31 -6.42 5.45
C MET C 41 15.75 -7.44 4.46
N ALA C 42 15.53 -8.68 4.91
CA ALA C 42 14.84 -9.67 4.09
C ALA C 42 13.37 -9.32 3.92
N GLN C 43 12.79 -8.61 4.89
CA GLN C 43 11.35 -8.35 4.87
C GLN C 43 10.99 -7.23 3.90
N LYS C 44 11.80 -6.16 3.85
CA LYS C 44 11.43 -5.00 3.05
C LYS C 44 11.44 -5.30 1.56
N LEU C 45 12.28 -6.25 1.11
CA LEU C 45 12.32 -6.59 -0.30
C LEU C 45 10.99 -7.19 -0.76
N ASP C 46 10.28 -7.87 0.14
CA ASP C 46 8.92 -8.30 -0.18
C ASP C 46 8.00 -7.10 -0.36
N GLN C 47 8.14 -6.08 0.51
CA GLN C 47 7.37 -4.86 0.34
C GLN C 47 7.83 -4.09 -0.88
N ASP C 48 9.14 -4.10 -1.16
CA ASP C 48 9.65 -3.48 -2.38
C ASP C 48 9.17 -4.20 -3.63
N SER C 49 8.83 -5.48 -3.53
CA SER C 49 8.34 -6.22 -4.70
C SER C 49 6.92 -5.77 -5.07
N ILE C 50 6.01 -5.80 -4.10
CA ILE C 50 4.64 -5.37 -4.35
C ILE C 50 4.59 -3.88 -4.67
N GLN C 51 5.52 -3.09 -4.10
CA GLN C 51 5.55 -1.66 -4.37
C GLN C 51 5.99 -1.38 -5.80
N LEU C 52 6.84 -2.22 -6.38
CA LEU C 52 7.41 -1.94 -7.68
C LEU C 52 6.53 -2.42 -8.84
N ARG C 53 5.78 -3.51 -8.67
CA ARG C 53 4.88 -3.96 -9.72
C ARG C 53 3.58 -3.16 -9.75
N ASN C 54 3.21 -2.53 -8.63
CA ASN C 54 2.11 -1.57 -8.67
C ASN C 54 2.53 -0.25 -9.30
N ILE C 55 3.83 0.06 -9.28
CA ILE C 55 4.34 1.21 -10.01
C ILE C 55 4.23 0.96 -11.51
N LYS C 56 4.37 -0.29 -11.95
CA LYS C 56 4.24 -0.65 -13.36
C LYS C 56 2.95 -0.09 -13.97
N ASP C 57 1.82 -0.38 -13.34
CA ASP C 57 0.52 -0.02 -13.91
C ASP C 57 0.36 1.48 -14.08
N ASN C 58 1.21 2.28 -13.45
CA ASN C 58 1.11 3.73 -13.53
C ASN C 58 2.22 4.38 -14.35
N VAL C 59 3.35 3.72 -14.55
CA VAL C 59 4.44 4.26 -15.34
C VAL C 59 4.64 3.46 -16.63
N GLN C 60 3.63 2.69 -17.05
CA GLN C 60 3.72 1.91 -18.26
C GLN C 60 3.68 2.84 -19.49
N GLY C 61 4.78 2.88 -20.24
CA GLY C 61 4.88 3.68 -21.44
C GLY C 61 5.84 4.86 -21.31
N THR C 62 6.06 5.35 -20.10
CA THR C 62 6.91 6.50 -19.88
C THR C 62 8.38 6.10 -19.91
N ASP C 63 9.27 7.07 -19.66
CA ASP C 63 10.69 6.78 -19.57
C ASP C 63 11.03 5.93 -18.36
N TYR C 64 10.11 5.85 -17.39
CA TYR C 64 10.30 5.02 -16.20
C TYR C 64 9.81 3.59 -16.40
N GLU C 65 9.42 3.23 -17.63
CA GLU C 65 8.96 1.87 -17.87
C GLU C 65 10.11 0.87 -17.81
N LYS C 66 11.23 1.19 -18.48
CA LYS C 66 12.37 0.28 -18.48
C LYS C 66 13.09 0.20 -17.12
N PRO C 67 13.40 1.32 -16.46
CA PRO C 67 14.15 1.20 -15.18
C PRO C 67 13.40 0.43 -14.10
N VAL C 68 12.08 0.58 -13.99
CA VAL C 68 11.35 -0.24 -13.03
C VAL C 68 11.27 -1.68 -13.51
N ASN C 69 11.34 -1.91 -14.82
CA ASN C 69 11.29 -3.26 -15.35
C ASN C 69 12.57 -4.04 -15.08
N GLU C 70 13.68 -3.34 -14.84
CA GLU C 70 14.92 -3.98 -14.40
C GLU C 70 15.17 -3.78 -12.92
N ALA C 71 14.32 -3.02 -12.23
CA ALA C 71 14.36 -2.95 -10.77
C ALA C 71 13.55 -4.05 -10.11
N ILE C 72 12.49 -4.52 -10.77
CA ILE C 72 11.76 -5.68 -10.29
C ILE C 72 12.59 -6.95 -10.47
N THR C 73 13.23 -7.08 -11.64
CA THR C 73 14.15 -8.20 -11.86
C THR C 73 15.32 -8.16 -10.89
N SER C 74 15.57 -7.01 -10.27
CA SER C 74 16.51 -6.94 -9.16
C SER C 74 15.96 -7.57 -7.89
N VAL C 75 14.81 -7.07 -7.41
CA VAL C 75 14.18 -7.45 -6.15
C VAL C 75 14.20 -8.97 -6.00
N GLU C 76 13.85 -9.69 -7.08
CA GLU C 76 13.89 -11.15 -7.04
C GLU C 76 15.32 -11.67 -6.98
N LYS C 77 16.19 -11.17 -7.87
CA LYS C 77 17.57 -11.68 -7.93
C LYS C 77 18.33 -11.41 -6.64
N LEU C 78 18.08 -10.27 -5.99
CA LEU C 78 18.57 -10.13 -4.62
C LEU C 78 17.92 -11.16 -3.71
N LYS C 79 16.58 -11.22 -3.69
CA LYS C 79 15.87 -12.09 -2.77
C LYS C 79 16.34 -13.55 -2.86
N THR C 80 16.70 -14.02 -4.05
CA THR C 80 17.22 -15.38 -4.17
C THR C 80 18.57 -15.51 -3.49
N SER C 81 19.40 -14.47 -3.56
CA SER C 81 20.73 -14.50 -2.97
C SER C 81 20.71 -14.48 -1.44
N LEU C 82 19.55 -14.30 -0.81
CA LEU C 82 19.46 -14.34 0.66
C LEU C 82 19.41 -15.76 1.22
N ARG C 83 20.21 -16.67 0.67
CA ARG C 83 20.27 -18.04 1.16
C ARG C 83 21.70 -18.56 1.16
N LEU C 92 28.72 -10.15 5.80
CA LEU C 92 28.28 -10.63 4.50
C LEU C 92 27.15 -9.75 3.97
N ASN C 93 26.03 -9.70 4.71
CA ASN C 93 24.86 -8.96 4.26
C ASN C 93 25.09 -7.45 4.20
N SER C 94 26.21 -6.96 4.71
CA SER C 94 26.55 -5.55 4.52
C SER C 94 26.81 -5.24 3.06
N ILE C 95 27.34 -6.21 2.30
CA ILE C 95 27.48 -6.03 0.87
C ILE C 95 26.13 -6.06 0.19
N GLY C 96 25.14 -6.73 0.79
CA GLY C 96 23.80 -6.76 0.26
C GLY C 96 22.99 -5.55 0.65
N SER C 97 23.66 -4.42 0.88
CA SER C 97 23.01 -3.16 1.23
C SER C 97 22.42 -2.44 0.03
N ARG C 98 21.85 -3.18 -0.92
CA ARG C 98 21.18 -2.61 -2.06
C ARG C 98 19.68 -2.45 -1.82
N VAL C 99 19.19 -2.79 -0.63
CA VAL C 99 17.77 -2.70 -0.35
C VAL C 99 17.34 -1.26 -0.13
N GLU C 100 18.02 -0.55 0.77
CA GLU C 100 17.69 0.86 0.99
C GLU C 100 18.08 1.71 -0.22
N ALA C 101 19.11 1.30 -0.97
CA ALA C 101 19.41 1.94 -2.23
C ALA C 101 18.34 1.65 -3.28
N LEU C 102 17.57 0.58 -3.09
CA LEU C 102 16.48 0.26 -3.99
C LEU C 102 15.22 1.04 -3.64
N THR C 103 15.04 1.42 -2.38
CA THR C 103 13.94 2.31 -2.01
C THR C 103 14.21 3.72 -2.50
N ASP C 104 15.48 4.15 -2.52
CA ASP C 104 15.83 5.43 -3.12
C ASP C 104 15.42 5.47 -4.59
N VAL C 105 15.53 4.31 -5.27
CA VAL C 105 14.99 4.21 -6.63
C VAL C 105 13.49 4.45 -6.63
N ILE C 106 12.77 3.79 -5.72
CA ILE C 106 11.34 4.01 -5.59
C ILE C 106 11.05 5.44 -5.17
N GLU C 107 11.95 6.03 -4.37
CA GLU C 107 11.76 7.43 -3.98
C GLU C 107 11.96 8.37 -5.16
N ALA C 108 12.94 8.08 -6.01
CA ALA C 108 13.17 8.91 -7.20
C ALA C 108 12.00 8.83 -8.17
N ILE C 109 11.30 7.69 -8.21
CA ILE C 109 10.14 7.57 -9.08
C ILE C 109 8.93 8.27 -8.47
N THR C 110 8.73 8.11 -7.16
CA THR C 110 7.60 8.78 -6.50
C THR C 110 7.77 10.29 -6.52
N PHE C 111 9.02 10.78 -6.52
CA PHE C 111 9.24 12.22 -6.67
C PHE C 111 8.87 12.69 -8.07
N SER C 112 9.07 11.84 -9.08
CA SER C 112 8.68 12.21 -10.43
C SER C 112 7.16 12.26 -10.59
N THR C 113 6.45 11.35 -9.91
CA THR C 113 5.00 11.31 -10.04
C THR C 113 4.35 12.51 -9.37
N GLN C 114 4.93 13.01 -8.28
CA GLN C 114 4.27 14.03 -7.47
C GLN C 114 4.64 15.45 -7.84
N HIS C 115 5.74 15.66 -8.57
CA HIS C 115 6.20 17.02 -8.81
C HIS C 115 6.54 17.27 -10.27
N LEU C 116 7.05 16.24 -10.94
CA LEU C 116 7.56 16.37 -12.31
C LEU C 116 6.51 16.04 -13.36
N ALA C 117 5.23 16.07 -13.00
CA ALA C 117 4.18 15.70 -13.95
C ALA C 117 4.08 16.72 -15.07
N ASN C 118 4.25 18.01 -14.75
CA ASN C 118 4.12 19.09 -15.71
C ASN C 118 5.46 19.74 -16.07
N LYS C 119 6.57 19.10 -15.72
CA LYS C 119 7.86 19.53 -16.22
C LYS C 119 8.10 18.94 -17.61
N VAL C 120 8.83 19.69 -18.45
CA VAL C 120 9.08 19.23 -19.82
C VAL C 120 9.72 17.85 -19.78
N SER C 121 9.52 17.10 -20.87
CA SER C 121 9.92 15.69 -20.91
C SER C 121 11.41 15.50 -20.64
N GLN C 122 12.23 16.53 -20.85
CA GLN C 122 13.66 16.40 -20.59
C GLN C 122 13.94 16.17 -19.11
N ALA C 123 13.05 16.61 -18.22
CA ALA C 123 13.22 16.34 -16.80
C ALA C 123 13.07 14.86 -16.50
N ASN C 124 11.95 14.26 -16.92
CA ASN C 124 11.73 12.84 -16.69
C ASN C 124 12.65 11.97 -17.52
N ILE C 125 13.13 12.47 -18.67
CA ILE C 125 14.09 11.71 -19.47
C ILE C 125 15.42 11.61 -18.73
N ASP C 126 15.91 12.74 -18.21
CA ASP C 126 17.19 12.73 -17.50
C ASP C 126 17.05 12.08 -16.12
N MET C 127 15.90 12.27 -15.47
CA MET C 127 15.68 11.62 -14.17
C MET C 127 15.53 10.11 -14.33
N GLY C 128 14.69 9.68 -15.26
CA GLY C 128 14.52 8.25 -15.52
C GLY C 128 15.79 7.57 -16.00
N PHE C 129 16.71 8.33 -16.59
CA PHE C 129 17.99 7.75 -16.99
C PHE C 129 18.95 7.68 -15.81
N GLY C 130 18.93 8.69 -14.93
CA GLY C 130 19.80 8.65 -13.76
C GLY C 130 19.46 7.51 -12.83
N ILE C 131 18.17 7.19 -12.70
CA ILE C 131 17.77 6.01 -11.94
C ILE C 131 18.34 4.75 -12.57
N THR C 132 18.32 4.68 -13.91
CA THR C 132 18.83 3.51 -14.60
C THR C 132 20.29 3.25 -14.29
N LYS C 133 21.09 4.31 -14.20
CA LYS C 133 22.51 4.15 -13.86
C LYS C 133 22.70 3.62 -12.45
N LEU C 134 21.72 3.82 -11.56
CA LEU C 134 21.79 3.24 -10.22
C LEU C 134 21.20 1.82 -10.19
N VAL C 135 20.13 1.59 -10.95
CA VAL C 135 19.56 0.24 -11.04
C VAL C 135 20.58 -0.71 -11.69
N ILE C 136 21.33 -0.22 -12.67
CA ILE C 136 22.38 -1.03 -13.29
C ILE C 136 23.44 -1.41 -12.26
N ARG C 137 23.86 -0.43 -11.47
CA ARG C 137 24.90 -0.67 -10.48
C ARG C 137 24.44 -1.61 -9.37
N ILE C 138 23.15 -1.59 -9.05
CA ILE C 138 22.61 -2.54 -8.08
C ILE C 138 22.68 -3.96 -8.64
N LEU C 139 22.38 -4.13 -9.93
CA LEU C 139 22.44 -5.44 -10.55
C LEU C 139 23.86 -5.99 -10.63
N ASP C 140 24.87 -5.14 -10.46
CA ASP C 140 26.27 -5.55 -10.57
C ASP C 140 26.82 -5.89 -9.19
N PRO C 141 27.36 -7.10 -9.00
CA PRO C 141 27.83 -7.50 -7.66
C PRO C 141 29.21 -6.95 -7.31
N PHE C 142 30.07 -6.78 -8.31
CA PHE C 142 31.38 -6.17 -8.07
C PHE C 142 31.25 -4.69 -7.73
N ALA C 143 30.13 -4.07 -8.10
CA ALA C 143 29.80 -2.77 -7.54
C ALA C 143 29.81 -2.86 -6.03
N SER C 144 30.33 -1.83 -5.39
CA SER C 144 30.78 -1.92 -4.00
C SER C 144 30.14 -0.85 -3.14
N VAL C 145 29.80 -1.24 -1.91
CA VAL C 145 29.25 -0.29 -0.95
C VAL C 145 30.23 0.84 -0.65
N ASP C 146 31.51 0.66 -0.98
CA ASP C 146 32.45 1.76 -0.89
C ASP C 146 31.97 2.96 -1.70
N SER C 147 31.36 2.68 -2.85
CA SER C 147 31.05 3.75 -3.80
C SER C 147 29.66 3.70 -4.43
N ILE C 148 28.83 2.69 -4.17
CA ILE C 148 27.44 2.78 -4.63
C ILE C 148 26.71 3.86 -3.86
N LYS C 149 27.10 4.10 -2.60
CA LYS C 149 26.51 5.20 -1.84
C LYS C 149 26.76 6.53 -2.54
N ALA C 150 27.86 6.65 -3.28
CA ALA C 150 28.09 7.83 -4.09
C ALA C 150 27.19 7.86 -5.33
N GLN C 151 26.70 6.70 -5.77
CA GLN C 151 25.78 6.66 -6.91
C GLN C 151 24.37 7.07 -6.50
N VAL C 152 23.96 6.76 -5.27
CA VAL C 152 22.67 7.23 -4.79
C VAL C 152 22.70 8.74 -4.55
N ASN C 153 23.84 9.26 -4.10
CA ASN C 153 23.98 10.71 -3.96
C ASN C 153 23.83 11.41 -5.31
N ASP C 154 24.31 10.78 -6.38
CA ASP C 154 24.18 11.36 -7.72
C ASP C 154 22.72 11.43 -8.13
N VAL C 155 21.95 10.37 -7.87
CA VAL C 155 20.53 10.39 -8.19
C VAL C 155 19.81 11.47 -7.39
N LYS C 156 20.12 11.58 -6.10
CA LYS C 156 19.52 12.63 -5.28
C LYS C 156 19.95 14.01 -5.73
N ALA C 157 21.20 14.16 -6.20
CA ALA C 157 21.64 15.44 -6.72
C ALA C 157 20.94 15.77 -8.03
N LEU C 158 20.91 14.80 -8.95
CA LEU C 158 20.15 14.99 -10.19
C LEU C 158 18.66 15.14 -9.90
N GLU C 159 18.17 14.47 -8.86
CA GLU C 159 16.80 14.70 -8.40
C GLU C 159 16.59 16.17 -8.04
N GLN C 160 17.60 16.80 -7.46
CA GLN C 160 17.57 18.22 -7.15
C GLN C 160 18.20 19.08 -8.25
N LYS C 161 18.19 18.60 -9.49
CA LYS C 161 18.66 19.38 -10.64
C LYS C 161 17.61 19.55 -11.72
N VAL C 162 16.67 18.62 -11.85
CA VAL C 162 15.67 18.68 -12.93
C VAL C 162 14.38 19.37 -12.53
N LEU C 163 14.14 19.59 -11.23
CA LEU C 163 12.95 20.33 -10.81
C LEU C 163 12.99 21.79 -11.25
N THR C 164 14.17 22.29 -11.59
CA THR C 164 14.32 23.65 -12.10
C THR C 164 13.98 23.77 -13.58
N TYR C 165 13.66 22.65 -14.23
CA TYR C 165 13.39 22.68 -15.66
C TYR C 165 12.07 23.43 -15.93
N PRO C 166 11.91 24.02 -17.11
CA PRO C 166 10.69 24.77 -17.39
C PRO C 166 9.46 23.86 -17.42
N ASP C 167 8.34 24.42 -16.95
CA ASP C 167 7.08 23.69 -17.00
C ASP C 167 6.60 23.56 -18.44
N LEU C 168 5.68 22.61 -18.65
CA LEU C 168 4.97 22.56 -19.92
C LEU C 168 4.18 23.85 -20.10
N LYS C 169 4.41 24.53 -21.22
CA LYS C 169 3.69 25.76 -21.49
C LYS C 169 2.19 25.47 -21.63
N PRO C 170 1.34 26.45 -21.35
CA PRO C 170 -0.12 26.21 -21.41
C PRO C 170 -0.60 25.63 -22.72
N THR C 171 -0.03 26.05 -23.85
CA THR C 171 -0.47 25.59 -25.16
C THR C 171 0.31 24.39 -25.67
N ASP C 172 1.24 23.85 -24.89
CA ASP C 172 2.02 22.71 -25.33
C ASP C 172 1.12 21.50 -25.55
N ARG C 173 1.53 20.64 -26.48
CA ARG C 173 0.82 19.38 -26.70
C ARG C 173 0.94 18.51 -25.45
N ALA C 174 -0.19 17.91 -25.06
CA ALA C 174 -0.23 17.07 -23.87
C ALA C 174 0.83 15.98 -23.92
N THR C 175 1.84 16.08 -23.07
CA THR C 175 2.92 15.10 -23.04
C THR C 175 2.40 13.78 -22.47
N ILE C 176 3.29 12.79 -22.43
CA ILE C 176 2.89 11.47 -21.94
C ILE C 176 2.63 11.50 -20.44
N TYR C 177 3.46 12.23 -19.69
CA TYR C 177 3.26 12.32 -18.25
C TYR C 177 2.02 13.16 -17.92
N THR C 178 1.68 14.11 -18.78
CA THR C 178 0.44 14.86 -18.62
C THR C 178 -0.76 13.96 -18.83
N LYS C 179 -0.73 13.13 -19.89
CA LYS C 179 -1.77 12.12 -20.05
C LYS C 179 -1.69 11.06 -18.96
N SER C 180 -0.50 10.81 -18.42
CA SER C 180 -0.39 9.93 -17.26
C SER C 180 -1.05 10.55 -16.04
N LYS C 181 -0.95 11.88 -15.89
CA LYS C 181 -1.64 12.57 -14.82
C LYS C 181 -3.15 12.32 -14.90
N LEU C 182 -3.69 12.22 -16.11
CA LEU C 182 -5.11 11.94 -16.27
C LEU C 182 -5.43 10.48 -16.03
N ASP C 183 -4.53 9.57 -16.43
CA ASP C 183 -4.78 8.15 -16.26
C ASP C 183 -4.97 7.79 -14.79
N LYS C 184 -4.17 8.39 -13.90
CA LYS C 184 -4.38 8.18 -12.47
C LYS C 184 -5.74 8.70 -12.02
N GLU C 185 -6.14 9.87 -12.54
CA GLU C 185 -7.44 10.43 -12.18
C GLU C 185 -8.59 9.56 -12.65
N ILE C 186 -8.41 8.84 -13.77
CA ILE C 186 -9.44 7.93 -14.22
C ILE C 186 -9.50 6.70 -13.32
N TRP C 187 -8.32 6.17 -12.92
CA TRP C 187 -8.29 5.02 -12.04
C TRP C 187 -8.96 5.33 -10.70
N ASN C 188 -8.60 6.46 -10.10
CA ASN C 188 -9.15 6.81 -8.79
C ASN C 188 -10.63 7.12 -8.86
N THR C 189 -11.08 7.73 -9.96
CA THR C 189 -12.50 8.04 -10.10
C THR C 189 -13.35 6.79 -10.12
N ARG C 190 -12.86 5.73 -10.77
CA ARG C 190 -13.60 4.48 -10.83
C ARG C 190 -13.46 3.67 -9.55
N PHE C 191 -12.34 3.85 -8.83
CA PHE C 191 -12.20 3.20 -7.53
C PHE C 191 -13.20 3.76 -6.53
N THR C 192 -13.25 5.09 -6.40
CA THR C 192 -14.21 5.70 -5.50
C THR C 192 -15.64 5.48 -5.95
N ARG C 193 -15.86 5.36 -7.27
CA ARG C 193 -17.19 5.10 -7.78
C ARG C 193 -17.69 3.73 -7.34
N ASP C 194 -16.84 2.73 -7.35
CA ASP C 194 -17.29 1.42 -6.96
C ASP C 194 -17.36 1.27 -5.47
N LYS C 195 -16.81 2.22 -4.77
CA LYS C 195 -16.80 2.14 -3.34
C LYS C 195 -17.80 3.03 -2.67
N LYS C 196 -18.01 4.21 -3.21
CA LYS C 196 -18.94 5.13 -2.60
C LYS C 196 -20.10 5.55 -3.48
N VAL C 197 -20.22 5.02 -4.68
CA VAL C 197 -21.32 5.41 -5.55
C VAL C 197 -22.12 4.24 -6.02
N LEU C 198 -21.46 3.15 -6.29
CA LEU C 198 -22.11 1.95 -6.74
C LEU C 198 -22.87 1.44 -5.57
N ASN C 199 -24.11 1.02 -5.78
CA ASN C 199 -24.88 0.49 -4.67
C ASN C 199 -25.35 1.49 -3.63
N VAL C 200 -24.90 2.73 -3.74
CA VAL C 200 -25.30 3.75 -2.83
C VAL C 200 -26.26 4.69 -3.49
N LYS C 201 -25.79 5.40 -4.49
CA LYS C 201 -26.63 6.34 -5.19
C LYS C 201 -27.42 5.66 -6.25
N GLU C 202 -28.35 6.36 -6.85
CA GLU C 202 -29.16 5.77 -7.88
C GLU C 202 -28.36 5.61 -9.14
N PHE C 203 -28.74 4.63 -9.92
CA PHE C 203 -28.05 4.29 -11.15
C PHE C 203 -27.93 5.47 -12.05
N LYS C 204 -28.84 6.37 -11.88
CA LYS C 204 -28.93 7.52 -12.78
C LYS C 204 -27.77 8.49 -12.53
N VAL C 205 -27.41 8.72 -11.27
CA VAL C 205 -26.18 9.45 -11.03
C VAL C 205 -24.96 8.61 -11.41
N TYR C 206 -25.08 7.27 -11.32
CA TYR C 206 -23.99 6.39 -11.74
C TYR C 206 -23.76 6.50 -13.23
N ASN C 207 -24.84 6.46 -14.02
CA ASN C 207 -24.72 6.58 -15.47
C ASN C 207 -24.13 7.92 -15.87
N THR C 208 -24.41 8.97 -15.10
CA THR C 208 -23.85 10.28 -15.41
C THR C 208 -22.36 10.33 -15.14
N LEU C 209 -21.93 9.82 -13.98
CA LEU C 209 -20.51 9.77 -13.66
C LEU C 209 -19.76 8.85 -14.62
N ASN C 210 -20.41 7.80 -15.10
CA ASN C 210 -19.74 6.86 -16.01
C ASN C 210 -19.42 7.52 -17.34
N LYS C 211 -20.36 8.31 -17.88
CA LYS C 211 -20.10 9.01 -19.13
C LYS C 211 -18.96 10.02 -18.96
N ALA C 212 -18.89 10.67 -17.80
CA ALA C 212 -17.76 11.54 -17.52
C ALA C 212 -16.45 10.76 -17.48
N ILE C 213 -16.51 9.48 -17.07
CA ILE C 213 -15.32 8.64 -17.11
C ILE C 213 -14.98 8.26 -18.55
N THR C 214 -15.98 7.82 -19.31
CA THR C 214 -15.76 7.47 -20.71
C THR C 214 -15.30 8.69 -21.51
N HIS C 215 -15.82 9.88 -21.17
CA HIS C 215 -15.40 11.09 -21.86
C HIS C 215 -13.94 11.41 -21.56
N ALA C 216 -13.51 11.23 -20.31
CA ALA C 216 -12.12 11.48 -19.95
C ALA C 216 -11.19 10.50 -20.63
N VAL C 217 -11.67 9.29 -20.95
CA VAL C 217 -10.85 8.34 -21.69
C VAL C 217 -10.73 8.78 -23.16
N GLY C 218 -11.78 9.39 -23.70
CA GLY C 218 -11.72 9.83 -25.09
C GLY C 218 -10.69 10.91 -25.32
N VAL C 219 -10.50 11.80 -24.35
CA VAL C 219 -9.50 12.84 -24.50
C VAL C 219 -8.10 12.31 -24.22
N GLN C 220 -7.99 11.24 -23.43
CA GLN C 220 -6.67 10.64 -23.21
C GLN C 220 -6.16 9.95 -24.46
N LEU C 221 -7.06 9.37 -25.26
CA LEU C 221 -6.66 8.72 -26.49
C LEU C 221 -6.34 9.71 -27.61
N ASN C 222 -6.90 10.91 -27.54
CA ASN C 222 -6.67 11.93 -28.56
C ASN C 222 -5.23 12.41 -28.48
N PRO C 223 -4.42 12.27 -29.55
CA PRO C 223 -3.03 12.75 -29.48
C PRO C 223 -2.86 14.24 -29.74
N ASN C 224 -3.93 14.97 -30.09
CA ASN C 224 -3.86 16.39 -30.40
C ASN C 224 -4.72 17.16 -29.39
N VAL C 225 -4.28 17.19 -28.14
CA VAL C 225 -4.96 17.94 -27.09
C VAL C 225 -3.93 18.76 -26.32
N THR C 226 -4.35 19.92 -25.84
CA THR C 226 -3.46 20.82 -25.11
C THR C 226 -3.26 20.30 -23.68
N VAL C 227 -2.51 21.08 -22.90
CA VAL C 227 -2.41 20.81 -21.46
C VAL C 227 -3.62 21.37 -20.72
N GLN C 228 -4.43 22.21 -21.37
CA GLN C 228 -5.62 22.75 -20.73
C GLN C 228 -6.78 21.75 -20.79
N GLN C 229 -7.09 21.26 -21.98
CA GLN C 229 -8.20 20.31 -22.14
C GLN C 229 -7.96 19.03 -21.35
N VAL C 230 -6.72 18.71 -21.01
CA VAL C 230 -6.51 17.57 -20.12
C VAL C 230 -6.61 17.99 -18.66
N ASP C 231 -6.19 19.22 -18.31
CA ASP C 231 -6.32 19.67 -16.94
C ASP C 231 -7.75 20.07 -16.63
N GLN C 232 -8.44 20.68 -17.59
CA GLN C 232 -9.86 20.96 -17.41
C GLN C 232 -10.68 19.69 -17.40
N GLU C 233 -10.24 18.66 -18.13
CA GLU C 233 -10.90 17.35 -18.02
C GLU C 233 -10.66 16.73 -16.65
N ILE C 234 -9.44 16.89 -16.12
CA ILE C 234 -9.17 16.51 -14.73
C ILE C 234 -10.12 17.25 -13.80
N VAL C 235 -10.27 18.57 -14.02
CA VAL C 235 -11.23 19.35 -13.25
C VAL C 235 -12.65 18.86 -13.53
N THR C 236 -12.97 18.57 -14.79
CA THR C 236 -14.30 18.08 -15.12
C THR C 236 -14.57 16.72 -14.47
N LEU C 237 -13.58 15.82 -14.50
CA LEU C 237 -13.77 14.50 -13.92
C LEU C 237 -13.88 14.57 -12.40
N GLN C 238 -13.10 15.44 -11.76
CA GLN C 238 -13.21 15.62 -10.31
C GLN C 238 -14.52 16.29 -9.94
N ALA C 239 -14.98 17.26 -10.74
CA ALA C 239 -16.27 17.88 -10.50
C ALA C 239 -17.40 16.87 -10.65
N ALA C 240 -17.28 15.96 -11.62
CA ALA C 240 -18.31 14.94 -11.81
C ALA C 240 -18.27 13.91 -10.69
N LEU C 241 -17.10 13.69 -10.09
CA LEU C 241 -17.01 12.75 -8.98
C LEU C 241 -17.64 13.33 -7.72
N GLN C 242 -17.29 14.57 -7.38
CA GLN C 242 -17.87 15.21 -6.21
C GLN C 242 -19.37 15.47 -6.40
N THR C 243 -19.81 15.65 -7.64
CA THR C 243 -21.25 15.75 -7.90
C THR C 243 -21.94 14.42 -7.61
N ALA C 244 -21.31 13.30 -7.95
CA ALA C 244 -21.89 12.00 -7.67
C ALA C 244 -21.82 11.65 -6.19
N LEU C 245 -20.80 12.15 -5.49
CA LEU C 245 -20.67 11.84 -4.07
C LEU C 245 -21.69 12.58 -3.22
N LYS C 246 -22.30 13.65 -3.74
CA LYS C 246 -23.30 14.39 -3.01
C LYS C 246 -24.56 13.56 -2.81
#